data_1XCX
#
_entry.id   1XCX
#
_cell.length_a   53.2
_cell.length_b   69.2
_cell.length_c   131.9
_cell.angle_alpha   90.0
_cell.angle_beta   90.0
_cell.angle_gamma   90.0
#
_symmetry.space_group_name_H-M   'P 21 21 21'
#
loop_
_entity.id
_entity.type
_entity.pdbx_description
1 polymer Alpha-amylase
2 branched 4,6-dideoxy-4-{[(1S,4R,5S,6S)-4,5,6-trihydroxy-3-(hydroxymethyl)cyclohex-2-en-1-yl]amino}-alpha-D-glucopyranose-(1-4)-alpha-D-glucopyranose-(1-6)-beta-D-glucopyranose
3 non-polymer 'CALCIUM ION'
4 non-polymer 'CHLORIDE ION'
5 non-polymer 2-acetamido-2-deoxy-beta-D-glucopyranose
6 water water
#
_entity_poly.entity_id   1
_entity_poly.type   'polypeptide(L)'
_entity_poly.pdbx_seq_one_letter_code
;(PCA)YSPNTQQGRTSIVHLFEWRWVDIALECERYLAPKGFGGVQVSPPNENVAIYNPFRPWWERYQPVSYKLCTRSGNE
DEFRNMVTRCNNVGVRIYVDAVINHMCGNAVSAGTSSTCGSYFNPGSRDFPAVPYSGWDFNDGKCKTGSGDIENYNDATQ
VRDCRLTGLLDLALEKDYVRSKIAEYMNHLIDIGVAGFRLDASKHMWPGDIKAILDKLHNLNSNWFPAGSKPFIYQEVID
LGGEPIKSSDYFGNGRVTEFKYGAKLGTVIRKWNGEKMSYLKNWGEGWGFVPSDRALVFVDNHDNQRGHGAGGASILTFW
DARLYKMAVGFMLAHPYGFTRVMSSYRWPRQFQNGNDVNDWVGPPNNNGVIKEVTINPDTTCGNDWVCEHRWRQIRNMVI
FRNVVDGQPFTNWYDNGSNQVAFGRGNRGFIVFNNDDWSFSLTLQTGLPAGTYCDVISGDKINGNCTGIKIYVSDDGKAH
FSISNSAEDPFIAIHAESKL
;
_entity_poly.pdbx_strand_id   A
#
# COMPACT_ATOMS: atom_id res chain seq x y z
N TYR A 2 15.74 5.29 1.30
CA TYR A 2 14.63 6.04 1.94
C TYR A 2 13.83 6.85 0.95
N SER A 3 14.39 7.24 -0.30
CA SER A 3 13.77 7.98 -1.39
C SER A 3 12.93 7.09 -2.37
N PRO A 4 11.68 7.44 -2.70
CA PRO A 4 10.80 6.63 -3.56
C PRO A 4 11.28 6.47 -5.01
N ASN A 5 12.09 7.41 -5.47
CA ASN A 5 12.59 7.37 -6.85
C ASN A 5 11.48 7.69 -7.86
N THR A 6 10.43 8.36 -7.39
CA THR A 6 9.32 8.73 -8.27
C THR A 6 9.71 9.97 -9.07
N GLN A 7 8.96 10.25 -10.12
CA GLN A 7 9.23 11.42 -10.94
C GLN A 7 8.88 12.62 -10.06
N GLN A 8 9.67 13.68 -10.16
CA GLN A 8 9.42 14.88 -9.36
C GLN A 8 8.00 15.38 -9.55
N GLY A 9 7.29 15.56 -8.44
CA GLY A 9 5.92 16.05 -8.52
C GLY A 9 4.86 14.97 -8.33
N ARG A 10 5.28 13.71 -8.22
CA ARG A 10 4.35 12.60 -8.00
C ARG A 10 4.64 12.05 -6.61
N THR A 11 3.61 12.08 -5.77
CA THR A 11 3.76 11.71 -4.36
C THR A 11 3.12 10.46 -3.77
N SER A 12 2.47 9.63 -4.59
CA SER A 12 1.83 8.42 -4.06
C SER A 12 2.05 7.21 -4.93
N ILE A 13 1.92 6.03 -4.34
CA ILE A 13 2.01 4.80 -5.11
C ILE A 13 0.67 4.10 -4.87
N VAL A 14 0.25 3.26 -5.80
CA VAL A 14 -1.02 2.55 -5.63
C VAL A 14 -0.74 1.06 -5.67
N HIS A 15 -1.44 0.31 -4.83
CA HIS A 15 -1.27 -1.14 -4.82
C HIS A 15 -2.34 -1.75 -5.73
N LEU A 16 -1.95 -2.18 -6.92
CA LEU A 16 -2.89 -2.80 -7.84
C LEU A 16 -2.83 -4.30 -7.52
N PHE A 17 -3.49 -4.63 -6.41
CA PHE A 17 -3.57 -5.98 -5.85
C PHE A 17 -4.09 -7.06 -6.80
N GLU A 18 -3.24 -8.03 -7.12
CA GLU A 18 -3.58 -9.16 -7.99
C GLU A 18 -3.82 -8.82 -9.47
N TRP A 19 -3.46 -7.61 -9.90
CA TRP A 19 -3.64 -7.22 -11.29
C TRP A 19 -2.66 -7.97 -12.20
N ARG A 20 -3.05 -8.13 -13.47
CA ARG A 20 -2.20 -8.80 -14.46
C ARG A 20 -1.24 -7.77 -15.00
N TRP A 21 -0.04 -8.19 -15.36
CA TRP A 21 0.97 -7.27 -15.89
C TRP A 21 0.46 -6.47 -17.09
N VAL A 22 -0.25 -7.13 -18.00
CA VAL A 22 -0.77 -6.44 -19.19
C VAL A 22 -1.76 -5.33 -18.82
N ASP A 23 -2.58 -5.56 -17.80
CA ASP A 23 -3.54 -4.55 -17.36
C ASP A 23 -2.86 -3.37 -16.68
N ILE A 24 -1.80 -3.63 -15.95
CA ILE A 24 -1.05 -2.57 -15.28
C ILE A 24 -0.33 -1.72 -16.32
N ALA A 25 0.23 -2.36 -17.34
CA ALA A 25 0.92 -1.63 -18.40
C ALA A 25 -0.03 -0.63 -19.04
N LEU A 26 -1.23 -1.10 -19.37
CA LEU A 26 -2.26 -0.24 -19.97
C LEU A 26 -2.66 0.88 -19.01
N GLU A 27 -2.84 0.52 -17.73
CA GLU A 27 -3.23 1.50 -16.71
C GLU A 27 -2.17 2.59 -16.55
N CYS A 28 -0.89 2.24 -16.65
CA CYS A 28 0.17 3.24 -16.53
C CYS A 28 0.00 4.33 -17.59
N GLU A 29 -0.24 3.90 -18.83
CA GLU A 29 -0.38 4.81 -19.96
C GLU A 29 -1.70 5.56 -20.04
N ARG A 30 -2.81 4.87 -19.85
CA ARG A 30 -4.12 5.52 -19.96
C ARG A 30 -4.62 6.27 -18.73
N TYR A 31 -4.12 5.94 -17.54
CA TYR A 31 -4.62 6.61 -16.34
C TYR A 31 -3.57 7.13 -15.35
N LEU A 32 -2.76 6.21 -14.83
CA LEU A 32 -1.76 6.55 -13.82
C LEU A 32 -0.84 7.72 -14.19
N ALA A 33 -0.26 7.67 -15.39
CA ALA A 33 0.64 8.74 -15.82
C ALA A 33 -0.10 10.07 -15.96
N PRO A 34 -1.22 10.10 -16.72
CA PRO A 34 -1.97 11.35 -16.90
C PRO A 34 -2.51 11.95 -15.60
N LYS A 35 -2.89 11.10 -14.65
CA LYS A 35 -3.45 11.57 -13.38
C LYS A 35 -2.43 11.82 -12.27
N GLY A 36 -1.15 11.75 -12.60
CA GLY A 36 -0.13 12.04 -11.62
C GLY A 36 0.24 11.03 -10.55
N PHE A 37 0.02 9.74 -10.80
CA PHE A 37 0.40 8.72 -9.82
C PHE A 37 1.89 8.44 -9.95
N GLY A 38 2.57 8.31 -8.81
CA GLY A 38 3.99 8.08 -8.82
C GLY A 38 4.46 6.67 -9.12
N GLY A 39 3.69 5.66 -8.71
CA GLY A 39 4.11 4.30 -8.96
C GLY A 39 3.10 3.25 -8.58
N VAL A 40 3.48 2.00 -8.79
CA VAL A 40 2.61 0.86 -8.51
C VAL A 40 3.30 -0.24 -7.71
N GLN A 41 2.61 -0.77 -6.71
CA GLN A 41 3.15 -1.89 -5.95
C GLN A 41 2.46 -3.10 -6.58
N VAL A 42 3.24 -4.04 -7.09
CA VAL A 42 2.67 -5.22 -7.72
C VAL A 42 2.69 -6.39 -6.76
N SER A 43 1.84 -7.38 -7.03
CA SER A 43 1.80 -8.58 -6.20
C SER A 43 3.07 -9.37 -6.55
N PRO A 44 3.49 -10.31 -5.68
CA PRO A 44 4.69 -11.12 -5.93
C PRO A 44 4.76 -11.64 -7.37
N PRO A 45 5.84 -11.30 -8.10
CA PRO A 45 6.01 -11.75 -9.48
C PRO A 45 6.73 -13.09 -9.66
N ASN A 46 7.12 -13.72 -8.56
CA ASN A 46 7.82 -14.99 -8.62
C ASN A 46 6.86 -16.18 -8.50
N GLU A 47 7.28 -17.32 -9.05
CA GLU A 47 6.48 -18.55 -9.03
C GLU A 47 6.04 -18.97 -7.63
N ASN A 48 4.75 -19.27 -7.48
CA ASN A 48 4.20 -19.68 -6.20
C ASN A 48 3.44 -21.01 -6.30
N VAL A 49 3.04 -21.54 -5.15
CA VAL A 49 2.29 -22.79 -5.12
C VAL A 49 0.88 -22.56 -5.64
N ALA A 50 0.40 -23.50 -6.46
CA ALA A 50 -0.96 -23.41 -7.00
C ALA A 50 -1.80 -24.19 -6.00
N ILE A 51 -2.64 -23.48 -5.25
CA ILE A 51 -3.48 -24.12 -4.25
C ILE A 51 -4.91 -24.23 -4.75
N TYR A 52 -5.44 -25.44 -4.70
CA TYR A 52 -6.79 -25.70 -5.19
C TYR A 52 -7.82 -25.89 -4.09
N ASN A 53 -7.35 -25.99 -2.86
CA ASN A 53 -8.25 -26.14 -1.72
C ASN A 53 -7.81 -25.27 -0.55
N PRO A 54 -8.44 -24.08 -0.38
CA PRO A 54 -9.51 -23.53 -1.21
C PRO A 54 -9.04 -23.19 -2.63
N PHE A 55 -9.99 -22.89 -3.52
CA PHE A 55 -9.67 -22.59 -4.91
C PHE A 55 -8.91 -21.29 -5.18
N ARG A 56 -7.62 -21.44 -5.48
CA ARG A 56 -6.73 -20.32 -5.81
C ARG A 56 -6.94 -19.08 -4.93
N PRO A 57 -6.60 -19.19 -3.63
CA PRO A 57 -6.76 -18.06 -2.70
C PRO A 57 -5.69 -16.99 -2.98
N TRP A 58 -5.98 -15.74 -2.63
CA TRP A 58 -5.00 -14.71 -2.85
C TRP A 58 -3.66 -15.05 -2.15
N TRP A 59 -3.73 -15.65 -0.97
CA TRP A 59 -2.51 -15.97 -0.23
C TRP A 59 -1.59 -17.06 -0.77
N GLU A 60 -1.96 -17.72 -1.87
CA GLU A 60 -1.07 -18.74 -2.40
C GLU A 60 0.16 -18.03 -2.99
N ARG A 61 0.01 -16.74 -3.29
CA ARG A 61 1.10 -15.95 -3.85
C ARG A 61 2.22 -15.63 -2.83
N TYR A 62 1.98 -15.95 -1.57
CA TYR A 62 2.98 -15.70 -0.54
C TYR A 62 3.66 -16.99 -0.11
N GLN A 63 3.59 -17.98 -1.00
CA GLN A 63 4.22 -19.28 -0.77
C GLN A 63 5.08 -19.58 -1.99
N PRO A 64 6.30 -19.02 -2.02
CA PRO A 64 7.27 -19.19 -3.11
C PRO A 64 7.70 -20.63 -3.41
N VAL A 65 7.91 -20.90 -4.68
CA VAL A 65 8.37 -22.21 -5.16
C VAL A 65 9.71 -22.03 -5.88
N SER A 66 9.92 -20.86 -6.46
CA SER A 66 11.17 -20.54 -7.16
C SER A 66 11.15 -19.04 -7.44
N TYR A 67 12.19 -18.53 -8.10
CA TYR A 67 12.24 -17.11 -8.42
C TYR A 67 11.96 -16.81 -9.88
N LYS A 68 11.36 -17.76 -10.59
CA LYS A 68 11.00 -17.56 -12.00
C LYS A 68 9.86 -16.55 -12.02
N LEU A 69 9.92 -15.60 -12.94
CA LEU A 69 8.86 -14.58 -13.08
C LEU A 69 7.73 -15.21 -13.87
N CYS A 70 6.98 -16.07 -13.19
CA CYS A 70 5.92 -16.81 -13.83
C CYS A 70 4.76 -17.04 -12.84
N THR A 71 3.70 -16.26 -13.01
CA THR A 71 2.54 -16.29 -12.11
C THR A 71 1.24 -16.06 -12.85
N ARG A 72 0.14 -16.06 -12.11
CA ARG A 72 -1.18 -15.82 -12.71
C ARG A 72 -1.26 -14.40 -13.27
N SER A 73 -0.30 -13.55 -12.89
CA SER A 73 -0.27 -12.17 -13.39
C SER A 73 0.38 -12.10 -14.79
N GLY A 74 1.17 -13.13 -15.14
CA GLY A 74 1.83 -13.13 -16.43
C GLY A 74 3.22 -13.75 -16.36
N ASN A 75 3.90 -13.83 -17.50
CA ASN A 75 5.24 -14.40 -17.56
C ASN A 75 6.29 -13.30 -17.54
N GLU A 76 7.56 -13.66 -17.71
CA GLU A 76 8.63 -12.67 -17.66
C GLU A 76 8.60 -11.63 -18.77
N ASP A 77 8.16 -12.04 -19.96
CA ASP A 77 8.10 -11.10 -21.07
C ASP A 77 7.05 -10.04 -20.79
N GLU A 78 5.90 -10.46 -20.31
CA GLU A 78 4.82 -9.53 -19.99
C GLU A 78 5.23 -8.63 -18.83
N PHE A 79 6.00 -9.19 -17.89
CA PHE A 79 6.45 -8.41 -16.75
C PHE A 79 7.42 -7.33 -17.22
N ARG A 80 8.40 -7.70 -18.04
CA ARG A 80 9.37 -6.73 -18.53
C ARG A 80 8.68 -5.68 -19.37
N ASN A 81 7.67 -6.10 -20.13
CA ASN A 81 6.93 -5.18 -20.97
C ASN A 81 6.25 -4.11 -20.12
N MET A 82 5.63 -4.55 -19.03
CA MET A 82 4.95 -3.64 -18.11
C MET A 82 5.91 -2.62 -17.48
N VAL A 83 7.05 -3.09 -16.99
CA VAL A 83 8.03 -2.19 -16.36
C VAL A 83 8.55 -1.14 -17.34
N THR A 84 8.85 -1.58 -18.56
CA THR A 84 9.35 -0.66 -19.59
C THR A 84 8.32 0.41 -19.95
N ARG A 85 7.11 -0.01 -20.28
CA ARG A 85 6.06 0.95 -20.66
C ARG A 85 5.73 1.92 -19.53
N CYS A 86 5.63 1.40 -18.30
CA CYS A 86 5.34 2.24 -17.15
C CYS A 86 6.47 3.25 -16.92
N ASN A 87 7.72 2.78 -16.94
CA ASN A 87 8.86 3.69 -16.75
C ASN A 87 8.92 4.77 -17.83
N ASN A 88 8.61 4.39 -19.07
CA ASN A 88 8.65 5.36 -20.16
C ASN A 88 7.58 6.42 -20.02
N VAL A 89 6.64 6.20 -19.11
CA VAL A 89 5.56 7.13 -18.89
C VAL A 89 5.73 7.82 -17.52
N GLY A 90 6.87 7.54 -16.86
CA GLY A 90 7.16 8.13 -15.56
C GLY A 90 6.52 7.50 -14.34
N VAL A 91 5.98 6.28 -14.48
CA VAL A 91 5.33 5.59 -13.37
C VAL A 91 6.22 4.41 -12.95
N ARG A 92 6.66 4.42 -11.69
CA ARG A 92 7.54 3.38 -11.16
C ARG A 92 6.84 2.11 -10.71
N ILE A 93 7.63 1.02 -10.67
CA ILE A 93 7.13 -0.27 -10.25
C ILE A 93 7.89 -0.73 -9.00
N TYR A 94 7.13 -1.16 -7.98
CA TYR A 94 7.72 -1.64 -6.73
C TYR A 94 7.27 -3.07 -6.56
N VAL A 95 8.23 -3.95 -6.33
CA VAL A 95 7.96 -5.37 -6.19
C VAL A 95 7.77 -5.85 -4.76
N ASP A 96 6.73 -6.68 -4.56
CA ASP A 96 6.44 -7.27 -3.26
C ASP A 96 7.42 -8.45 -3.19
N ALA A 97 8.50 -8.29 -2.45
CA ALA A 97 9.52 -9.33 -2.34
C ALA A 97 9.30 -10.26 -1.15
N VAL A 98 8.98 -11.52 -1.45
CA VAL A 98 8.72 -12.54 -0.44
C VAL A 98 10.02 -13.32 -0.28
N ILE A 99 10.88 -12.84 0.61
CA ILE A 99 12.19 -13.45 0.80
C ILE A 99 12.47 -14.11 2.14
N ASN A 100 11.51 -14.05 3.06
CA ASN A 100 11.70 -14.66 4.38
C ASN A 100 11.53 -16.18 4.36
N HIS A 101 10.68 -16.66 3.46
CA HIS A 101 10.35 -18.08 3.42
C HIS A 101 9.99 -18.63 2.05
N MET A 102 9.77 -19.94 2.01
CA MET A 102 9.30 -20.61 0.80
C MET A 102 7.89 -21.04 1.19
N CYS A 103 7.32 -22.06 0.56
CA CYS A 103 5.94 -22.47 0.87
C CYS A 103 5.74 -23.20 2.20
N GLY A 104 4.49 -23.53 2.50
CA GLY A 104 4.17 -24.24 3.74
C GLY A 104 4.84 -25.60 3.81
N ASN A 105 5.37 -25.94 4.98
CA ASN A 105 6.05 -27.23 5.15
C ASN A 105 5.13 -28.42 4.95
N ALA A 106 3.83 -28.22 5.07
CA ALA A 106 2.86 -29.30 4.90
C ALA A 106 2.31 -29.45 3.48
N VAL A 107 2.80 -28.64 2.55
CA VAL A 107 2.35 -28.71 1.16
C VAL A 107 2.88 -29.97 0.46
N SER A 108 2.04 -30.62 -0.33
CA SER A 108 2.41 -31.83 -1.04
C SER A 108 3.48 -31.59 -2.09
N ALA A 109 4.45 -32.50 -2.17
CA ALA A 109 5.52 -32.40 -3.15
C ALA A 109 4.89 -32.65 -4.51
N GLY A 110 5.50 -32.13 -5.57
CA GLY A 110 4.97 -32.31 -6.90
C GLY A 110 5.23 -31.11 -7.78
N THR A 111 4.35 -30.85 -8.74
CA THR A 111 4.53 -29.71 -9.63
C THR A 111 3.30 -28.81 -9.67
N SER A 112 2.58 -28.76 -8.55
CA SER A 112 1.41 -27.91 -8.46
C SER A 112 1.90 -26.48 -8.17
N SER A 113 2.62 -25.92 -9.13
CA SER A 113 3.19 -24.58 -9.04
C SER A 113 2.72 -23.79 -10.25
N THR A 114 2.80 -22.47 -10.19
CA THR A 114 2.32 -21.64 -11.30
C THR A 114 3.17 -21.73 -12.57
N CYS A 115 4.29 -22.44 -12.50
CA CYS A 115 5.13 -22.58 -13.68
C CYS A 115 5.58 -24.01 -13.93
N GLY A 116 4.98 -24.95 -13.21
CA GLY A 116 5.33 -26.35 -13.40
C GLY A 116 6.60 -26.78 -12.69
N SER A 117 7.26 -25.88 -11.97
CA SER A 117 8.47 -26.25 -11.27
C SER A 117 8.17 -27.30 -10.22
N TYR A 118 9.09 -28.24 -10.06
CA TYR A 118 8.94 -29.30 -9.08
C TYR A 118 9.47 -28.80 -7.73
N PHE A 119 8.82 -29.23 -6.65
CA PHE A 119 9.25 -28.86 -5.32
C PHE A 119 8.77 -29.91 -4.33
N ASN A 120 9.53 -30.08 -3.24
CA ASN A 120 9.21 -31.06 -2.22
C ASN A 120 9.46 -30.45 -0.85
N PRO A 121 8.41 -29.86 -0.25
CA PRO A 121 8.50 -29.22 1.07
C PRO A 121 8.98 -30.17 2.16
N GLY A 122 8.45 -31.38 2.15
CA GLY A 122 8.82 -32.37 3.14
C GLY A 122 10.30 -32.61 3.29
N SER A 123 11.02 -32.67 2.17
CA SER A 123 12.46 -32.90 2.21
C SER A 123 13.26 -31.62 1.98
N ARG A 124 12.58 -30.47 2.07
CA ARG A 124 13.22 -29.16 1.88
C ARG A 124 13.90 -29.00 0.52
N ASP A 125 13.29 -29.53 -0.52
CA ASP A 125 13.90 -29.41 -1.84
C ASP A 125 13.18 -28.52 -2.84
N PHE A 126 13.90 -27.51 -3.29
CA PHE A 126 13.40 -26.57 -4.28
C PHE A 126 14.49 -26.45 -5.33
N PRO A 127 14.61 -27.47 -6.19
CA PRO A 127 15.61 -27.55 -7.27
C PRO A 127 15.62 -26.42 -8.28
N ALA A 128 14.50 -25.71 -8.42
CA ALA A 128 14.43 -24.61 -9.37
C ALA A 128 15.21 -23.37 -8.93
N VAL A 129 15.63 -23.32 -7.67
CA VAL A 129 16.38 -22.15 -7.17
C VAL A 129 17.89 -22.26 -7.38
N PRO A 130 18.55 -23.28 -6.78
CA PRO A 130 18.00 -24.34 -5.94
C PRO A 130 18.28 -24.14 -4.43
N TYR A 131 17.41 -24.74 -3.62
CA TYR A 131 17.54 -24.71 -2.17
C TYR A 131 17.43 -26.16 -1.67
N SER A 132 18.11 -26.48 -0.58
CA SER A 132 18.03 -27.81 0.00
C SER A 132 17.81 -27.66 1.50
N GLY A 133 17.85 -28.78 2.22
CA GLY A 133 17.66 -28.75 3.65
C GLY A 133 18.64 -27.87 4.40
N TRP A 134 19.83 -27.68 3.84
CA TRP A 134 20.86 -26.85 4.47
C TRP A 134 20.55 -25.37 4.43
N ASP A 135 19.53 -24.99 3.67
CA ASP A 135 19.18 -23.58 3.51
C ASP A 135 18.00 -23.09 4.33
N PHE A 136 17.53 -23.91 5.27
CA PHE A 136 16.39 -23.54 6.11
C PHE A 136 16.75 -23.55 7.58
N ASN A 137 15.97 -22.86 8.39
CA ASN A 137 16.24 -22.74 9.82
C ASN A 137 15.72 -23.85 10.72
N ASP A 138 15.37 -25.00 10.14
CA ASP A 138 14.85 -26.09 10.94
C ASP A 138 15.72 -26.43 12.16
N GLY A 139 17.04 -26.42 11.99
CA GLY A 139 17.92 -26.74 13.10
C GLY A 139 18.21 -25.55 14.02
N LYS A 140 17.78 -24.37 13.62
CA LYS A 140 18.01 -23.16 14.39
C LYS A 140 16.81 -22.79 15.28
N CYS A 141 15.60 -23.07 14.80
CA CYS A 141 14.38 -22.77 15.57
C CYS A 141 14.33 -23.62 16.83
N LYS A 142 13.92 -23.02 17.95
CA LYS A 142 13.88 -23.73 19.23
C LYS A 142 12.50 -24.06 19.82
N THR A 143 11.43 -23.77 19.09
CA THR A 143 10.10 -24.07 19.61
C THR A 143 9.81 -25.56 19.43
N GLY A 144 8.88 -26.08 20.24
CA GLY A 144 8.55 -27.49 20.14
C GLY A 144 7.81 -27.86 18.87
N SER A 145 7.08 -26.91 18.29
CA SER A 145 6.34 -27.17 17.07
C SER A 145 7.12 -26.78 15.82
N GLY A 146 8.20 -26.02 15.98
CA GLY A 146 8.96 -25.60 14.84
C GLY A 146 8.39 -24.32 14.25
N ASP A 147 7.22 -23.90 14.74
CA ASP A 147 6.61 -22.66 14.26
C ASP A 147 6.73 -21.57 15.31
N ILE A 148 6.36 -20.36 14.92
CA ILE A 148 6.39 -19.23 15.83
C ILE A 148 5.21 -19.44 16.76
N GLU A 149 5.49 -19.51 18.05
CA GLU A 149 4.44 -19.74 19.04
C GLU A 149 4.17 -18.54 19.94
N ASN A 150 5.17 -17.70 20.12
CA ASN A 150 5.06 -16.55 21.00
C ASN A 150 5.82 -15.35 20.47
N TYR A 151 5.10 -14.26 20.18
CA TYR A 151 5.73 -13.05 19.67
C TYR A 151 6.50 -12.25 20.72
N ASN A 152 6.51 -12.73 21.95
CA ASN A 152 7.23 -12.05 23.03
C ASN A 152 8.67 -12.53 23.11
N ASP A 153 9.00 -13.51 22.27
CA ASP A 153 10.35 -14.05 22.17
C ASP A 153 10.86 -13.62 20.79
N ALA A 154 11.59 -12.51 20.75
CA ALA A 154 12.11 -11.98 19.50
C ALA A 154 12.94 -12.94 18.67
N THR A 155 13.52 -13.94 19.32
CA THR A 155 14.34 -14.91 18.61
C THR A 155 13.55 -15.89 17.75
N GLN A 156 12.51 -16.51 18.33
CA GLN A 156 11.72 -17.46 17.55
C GLN A 156 10.92 -16.75 16.47
N VAL A 157 10.65 -15.46 16.65
CA VAL A 157 9.91 -14.71 15.64
C VAL A 157 10.73 -14.66 14.34
N ARG A 158 12.05 -14.65 14.49
CA ARG A 158 12.96 -14.59 13.35
C ARG A 158 13.44 -15.94 12.83
N ASP A 159 13.68 -16.90 13.74
CA ASP A 159 14.21 -18.20 13.33
C ASP A 159 13.21 -19.33 13.11
N CYS A 160 11.96 -19.12 13.49
CA CYS A 160 10.95 -20.17 13.33
C CYS A 160 9.98 -19.85 12.20
N ARG A 161 9.18 -20.85 11.82
CA ARG A 161 8.23 -20.72 10.72
C ARG A 161 6.97 -19.93 10.99
N LEU A 162 6.75 -18.89 10.18
CA LEU A 162 5.55 -18.07 10.30
C LEU A 162 4.41 -18.96 9.82
N THR A 163 3.56 -19.40 10.74
CA THR A 163 2.45 -20.27 10.44
C THR A 163 2.83 -21.41 9.48
N GLY A 164 3.93 -22.11 9.78
CA GLY A 164 4.37 -23.21 8.95
C GLY A 164 5.22 -22.95 7.71
N LEU A 165 5.31 -21.71 7.26
CA LEU A 165 6.10 -21.37 6.08
C LEU A 165 7.58 -21.69 6.31
N LEU A 166 8.18 -22.51 5.44
CA LEU A 166 9.60 -22.88 5.56
C LEU A 166 10.49 -21.64 5.62
N ASP A 167 11.21 -21.49 6.74
CA ASP A 167 12.06 -20.34 7.01
C ASP A 167 13.49 -20.42 6.47
N LEU A 168 13.84 -19.50 5.58
CA LEU A 168 15.16 -19.47 4.97
C LEU A 168 16.25 -19.02 5.94
N ALA A 169 17.40 -19.68 5.88
CA ALA A 169 18.55 -19.36 6.73
C ALA A 169 19.25 -18.16 6.11
N LEU A 170 18.69 -16.97 6.35
CA LEU A 170 19.22 -15.73 5.80
C LEU A 170 20.62 -15.31 6.26
N GLU A 171 21.22 -16.05 7.18
CA GLU A 171 22.57 -15.70 7.61
C GLU A 171 23.61 -16.28 6.65
N LYS A 172 23.24 -17.31 5.90
CA LYS A 172 24.14 -17.96 4.95
C LYS A 172 24.36 -17.11 3.70
N ASP A 173 25.63 -16.94 3.31
CA ASP A 173 25.91 -16.13 2.13
C ASP A 173 25.28 -16.73 0.90
N TYR A 174 25.22 -18.06 0.82
CA TYR A 174 24.61 -18.69 -0.34
C TYR A 174 23.16 -18.23 -0.52
N VAL A 175 22.39 -18.32 0.56
CA VAL A 175 20.98 -17.92 0.53
C VAL A 175 20.86 -16.43 0.21
N ARG A 176 21.67 -15.60 0.88
CA ARG A 176 21.65 -14.16 0.65
C ARG A 176 21.92 -13.87 -0.83
N SER A 177 22.82 -14.65 -1.43
CA SER A 177 23.19 -14.49 -2.82
C SER A 177 22.08 -14.87 -3.79
N LYS A 178 21.32 -15.92 -3.47
CA LYS A 178 20.23 -16.34 -4.36
C LYS A 178 19.10 -15.31 -4.32
N ILE A 179 18.90 -14.70 -3.16
CA ILE A 179 17.86 -13.70 -3.03
C ILE A 179 18.30 -12.42 -3.78
N ALA A 180 19.56 -12.05 -3.63
CA ALA A 180 20.08 -10.87 -4.31
C ALA A 180 20.06 -11.11 -5.83
N GLU A 181 20.36 -12.33 -6.24
CA GLU A 181 20.34 -12.64 -7.66
C GLU A 181 18.95 -12.36 -8.21
N TYR A 182 17.93 -12.73 -7.44
CA TYR A 182 16.54 -12.54 -7.82
C TYR A 182 16.19 -11.05 -7.88
N MET A 183 16.56 -10.31 -6.84
CA MET A 183 16.26 -8.89 -6.79
C MET A 183 17.04 -8.07 -7.81
N ASN A 184 18.29 -8.44 -8.08
CA ASN A 184 19.08 -7.71 -9.07
C ASN A 184 18.54 -7.94 -10.49
N HIS A 185 17.97 -9.12 -10.71
CA HIS A 185 17.39 -9.43 -12.01
C HIS A 185 16.25 -8.42 -12.23
N LEU A 186 15.49 -8.16 -11.17
CA LEU A 186 14.37 -7.22 -11.23
C LEU A 186 14.83 -5.77 -11.36
N ILE A 187 15.86 -5.40 -10.60
CA ILE A 187 16.39 -4.05 -10.66
C ILE A 187 16.89 -3.75 -12.07
N ASP A 188 17.63 -4.70 -12.66
CA ASP A 188 18.16 -4.51 -14.00
C ASP A 188 17.05 -4.45 -15.06
N ILE A 189 15.90 -5.04 -14.72
CA ILE A 189 14.74 -5.02 -15.60
C ILE A 189 14.17 -3.61 -15.55
N GLY A 190 14.29 -2.97 -14.39
CA GLY A 190 13.79 -1.62 -14.27
C GLY A 190 12.93 -1.26 -13.07
N VAL A 191 12.77 -2.17 -12.11
CA VAL A 191 11.96 -1.86 -10.92
C VAL A 191 12.67 -0.79 -10.08
N ALA A 192 11.91 0.04 -9.38
CA ALA A 192 12.46 1.13 -8.59
C ALA A 192 12.62 0.85 -7.09
N GLY A 193 12.07 -0.26 -6.61
CA GLY A 193 12.17 -0.56 -5.19
C GLY A 193 11.38 -1.79 -4.82
N PHE A 194 11.38 -2.11 -3.52
CA PHE A 194 10.68 -3.29 -3.04
C PHE A 194 9.96 -3.12 -1.71
N ARG A 195 8.93 -3.93 -1.53
CA ARG A 195 8.20 -4.00 -0.27
C ARG A 195 8.80 -5.30 0.26
N LEU A 196 9.53 -5.23 1.38
CA LEU A 196 10.10 -6.45 1.92
C LEU A 196 9.05 -7.08 2.82
N ASP A 197 8.44 -8.14 2.29
CA ASP A 197 7.41 -8.89 2.99
C ASP A 197 7.92 -9.57 4.26
N ALA A 198 7.11 -9.55 5.31
CA ALA A 198 7.47 -10.19 6.57
C ALA A 198 8.84 -9.79 7.12
N SER A 199 9.16 -8.50 7.08
CA SER A 199 10.46 -8.05 7.57
C SER A 199 10.66 -8.30 9.06
N LYS A 200 9.58 -8.28 9.83
CA LYS A 200 9.68 -8.51 11.27
C LYS A 200 10.30 -9.88 11.54
N HIS A 201 10.10 -10.80 10.59
CA HIS A 201 10.58 -12.17 10.73
C HIS A 201 12.00 -12.42 10.23
N MET A 202 12.70 -11.33 9.93
CA MET A 202 14.09 -11.41 9.49
C MET A 202 14.89 -10.49 10.39
N TRP A 203 16.13 -10.89 10.68
CA TRP A 203 16.99 -10.06 11.52
C TRP A 203 17.38 -8.82 10.71
N PRO A 204 17.34 -7.64 11.35
CA PRO A 204 17.71 -6.42 10.62
C PRO A 204 19.07 -6.54 9.92
N GLY A 205 20.00 -7.23 10.57
CA GLY A 205 21.34 -7.40 10.03
C GLY A 205 21.39 -8.28 8.79
N ASP A 206 20.51 -9.28 8.73
CA ASP A 206 20.49 -10.15 7.55
C ASP A 206 19.93 -9.37 6.36
N ILE A 207 18.91 -8.57 6.60
CA ILE A 207 18.32 -7.75 5.55
C ILE A 207 19.38 -6.81 4.98
N LYS A 208 20.12 -6.14 5.86
CA LYS A 208 21.16 -5.23 5.41
C LYS A 208 22.21 -5.93 4.53
N ALA A 209 22.64 -7.13 4.95
CA ALA A 209 23.63 -7.88 4.19
C ALA A 209 23.15 -8.14 2.76
N ILE A 210 21.85 -8.39 2.63
CA ILE A 210 21.24 -8.64 1.32
C ILE A 210 21.19 -7.32 0.52
N LEU A 211 20.77 -6.25 1.17
CA LEU A 211 20.69 -4.96 0.51
C LEU A 211 22.06 -4.49 -0.01
N ASP A 212 23.13 -4.84 0.70
CA ASP A 212 24.47 -4.46 0.27
C ASP A 212 24.89 -5.16 -1.02
N LYS A 213 24.14 -6.19 -1.40
CA LYS A 213 24.43 -6.95 -2.61
C LYS A 213 23.63 -6.43 -3.82
N LEU A 214 22.78 -5.44 -3.59
CA LEU A 214 21.94 -4.89 -4.65
C LEU A 214 22.57 -3.84 -5.58
N HIS A 215 22.18 -3.88 -6.85
CA HIS A 215 22.68 -2.93 -7.85
C HIS A 215 21.98 -1.58 -7.67
N ASN A 216 22.50 -0.56 -8.35
CA ASN A 216 21.88 0.76 -8.35
C ASN A 216 20.81 0.60 -9.42
N LEU A 217 19.82 1.50 -9.45
CA LEU A 217 18.75 1.40 -10.43
C LEU A 217 19.26 1.48 -11.87
N ASN A 218 18.50 0.89 -12.79
CA ASN A 218 18.86 0.85 -14.22
C ASN A 218 19.17 2.25 -14.75
N SER A 219 20.42 2.46 -15.17
CA SER A 219 20.87 3.76 -15.66
C SER A 219 20.21 4.28 -16.94
N ASN A 220 19.36 3.45 -17.55
CA ASN A 220 18.66 3.87 -18.77
C ASN A 220 17.45 4.74 -18.39
N TRP A 221 16.97 4.61 -17.16
CA TRP A 221 15.83 5.39 -16.69
C TRP A 221 16.13 6.22 -15.44
N PHE A 222 17.12 5.82 -14.66
CA PHE A 222 17.42 6.54 -13.43
C PHE A 222 18.83 7.14 -13.38
N PRO A 223 18.98 8.28 -12.68
CA PRO A 223 20.31 8.89 -12.59
C PRO A 223 21.30 7.97 -11.88
N ALA A 224 22.57 8.06 -12.29
CA ALA A 224 23.60 7.23 -11.70
C ALA A 224 23.61 7.34 -10.17
N GLY A 225 23.86 6.22 -9.51
CA GLY A 225 23.91 6.23 -8.06
C GLY A 225 22.57 6.11 -7.35
N SER A 226 21.49 5.90 -8.11
CA SER A 226 20.17 5.74 -7.51
C SER A 226 20.06 4.39 -6.81
N LYS A 227 19.58 4.38 -5.58
CA LYS A 227 19.41 3.14 -4.84
C LYS A 227 17.93 2.79 -4.76
N PRO A 228 17.62 1.48 -4.84
CA PRO A 228 16.21 1.08 -4.77
C PRO A 228 15.50 1.51 -3.49
N PHE A 229 14.26 1.93 -3.64
CA PHE A 229 13.42 2.35 -2.53
C PHE A 229 13.05 1.09 -1.75
N ILE A 230 13.27 1.11 -0.44
CA ILE A 230 12.97 -0.05 0.40
C ILE A 230 11.98 0.28 1.52
N TYR A 231 10.85 -0.43 1.54
CA TYR A 231 9.94 -0.25 2.66
C TYR A 231 9.67 -1.64 3.22
N GLN A 232 9.92 -1.79 4.51
CA GLN A 232 9.77 -3.06 5.19
C GLN A 232 8.45 -3.22 5.93
N GLU A 233 7.77 -4.34 5.71
CA GLU A 233 6.52 -4.58 6.42
C GLU A 233 6.85 -5.11 7.81
N VAL A 234 6.65 -4.24 8.79
CA VAL A 234 6.88 -4.60 10.18
C VAL A 234 5.63 -4.09 10.89
N ILE A 235 4.85 -5.00 11.45
CA ILE A 235 3.65 -4.64 12.19
C ILE A 235 4.09 -4.37 13.63
N ASP A 236 4.05 -3.11 14.02
CA ASP A 236 4.44 -2.71 15.36
C ASP A 236 3.39 -1.80 15.97
N LEU A 237 2.50 -2.39 16.75
CA LEU A 237 1.44 -1.63 17.39
C LEU A 237 1.78 -1.45 18.86
N GLY A 238 3.04 -1.73 19.19
CA GLY A 238 3.48 -1.62 20.57
C GLY A 238 3.19 -2.92 21.30
N GLY A 239 3.74 -3.06 22.50
CA GLY A 239 3.50 -4.28 23.26
C GLY A 239 4.37 -5.46 22.92
N GLU A 240 5.16 -5.36 21.86
CA GLU A 240 6.04 -6.45 21.48
C GLU A 240 7.50 -6.05 21.61
N PRO A 241 8.38 -7.03 21.86
CA PRO A 241 9.81 -6.75 22.00
C PRO A 241 10.48 -6.22 20.73
N ILE A 242 9.91 -6.51 19.57
CA ILE A 242 10.48 -6.04 18.31
C ILE A 242 9.88 -4.67 17.96
N LYS A 243 10.74 -3.72 17.64
CA LYS A 243 10.30 -2.36 17.30
C LYS A 243 10.66 -2.04 15.86
N SER A 244 9.81 -1.28 15.18
CA SER A 244 10.09 -0.95 13.79
C SER A 244 11.33 -0.05 13.67
N SER A 245 11.68 0.64 14.74
CA SER A 245 12.86 1.50 14.73
C SER A 245 14.14 0.69 14.52
N ASP A 246 14.10 -0.61 14.84
CA ASP A 246 15.27 -1.47 14.67
C ASP A 246 15.63 -1.65 13.19
N TYR A 247 14.68 -1.32 12.32
CA TYR A 247 14.85 -1.47 10.88
C TYR A 247 15.10 -0.16 10.10
N PHE A 248 15.28 0.94 10.81
CA PHE A 248 15.51 2.23 10.16
C PHE A 248 16.78 2.29 9.32
N GLY A 249 17.77 1.48 9.67
CA GLY A 249 19.01 1.48 8.92
C GLY A 249 18.92 0.85 7.54
N ASN A 250 17.82 0.16 7.26
CA ASN A 250 17.64 -0.51 5.96
C ASN A 250 16.73 0.25 5.00
N GLY A 251 15.86 1.08 5.54
CA GLY A 251 14.93 1.84 4.72
C GLY A 251 13.69 2.21 5.51
N ARG A 252 12.60 2.53 4.81
CA ARG A 252 11.36 2.89 5.49
C ARG A 252 10.65 1.67 6.06
N VAL A 253 9.63 1.94 6.88
CA VAL A 253 8.84 0.88 7.48
C VAL A 253 7.35 1.25 7.35
N THR A 254 6.52 0.22 7.29
CA THR A 254 5.07 0.38 7.21
C THR A 254 4.62 0.82 8.59
N GLU A 255 3.84 1.89 8.65
CA GLU A 255 3.34 2.37 9.94
C GLU A 255 1.90 1.89 10.09
N PHE A 256 1.73 0.72 10.70
CA PHE A 256 0.38 0.17 10.88
C PHE A 256 -0.47 0.88 11.94
N LYS A 257 0.16 1.66 12.81
CA LYS A 257 -0.60 2.38 13.82
C LYS A 257 -1.42 3.46 13.12
N TYR A 258 -0.93 3.89 11.96
CA TYR A 258 -1.59 4.95 11.20
C TYR A 258 -3.04 4.63 10.84
N GLY A 259 -3.24 3.55 10.08
CA GLY A 259 -4.58 3.17 9.68
C GLY A 259 -5.48 2.76 10.84
N ALA A 260 -4.88 2.08 11.83
CA ALA A 260 -5.63 1.64 13.00
C ALA A 260 -6.24 2.81 13.77
N LYS A 261 -5.44 3.82 14.07
CA LYS A 261 -5.92 4.99 14.81
C LYS A 261 -6.84 5.89 13.98
N LEU A 262 -6.52 6.05 12.70
CA LEU A 262 -7.36 6.89 11.85
C LEU A 262 -8.74 6.26 11.78
N GLY A 263 -8.77 4.93 11.76
CA GLY A 263 -10.02 4.21 11.71
C GLY A 263 -10.88 4.42 12.94
N THR A 264 -10.28 4.33 14.12
CA THR A 264 -11.05 4.51 15.35
C THR A 264 -11.51 5.96 15.51
N VAL A 265 -10.68 6.91 15.07
CA VAL A 265 -11.04 8.32 15.17
C VAL A 265 -12.22 8.66 14.25
N ILE A 266 -12.13 8.24 13.00
CA ILE A 266 -13.20 8.52 12.04
C ILE A 266 -14.50 7.78 12.36
N ARG A 267 -14.38 6.61 12.97
CA ARG A 267 -15.57 5.85 13.36
C ARG A 267 -16.09 6.42 14.69
N LYS A 268 -15.29 7.28 15.31
CA LYS A 268 -15.63 7.91 16.57
C LYS A 268 -15.77 6.86 17.68
N TRP A 269 -14.89 5.87 17.65
CA TRP A 269 -14.91 4.83 18.66
C TRP A 269 -14.29 5.28 19.96
N ASN A 270 -14.96 4.92 21.07
CA ASN A 270 -14.53 5.25 22.42
C ASN A 270 -13.99 6.64 22.70
N GLY A 271 -14.82 7.67 22.49
CA GLY A 271 -14.42 9.03 22.80
C GLY A 271 -13.53 9.71 21.80
N GLU A 272 -12.97 8.97 20.84
CA GLU A 272 -12.10 9.59 19.84
C GLU A 272 -12.87 10.60 18.98
N LYS A 273 -12.20 11.68 18.56
CA LYS A 273 -12.82 12.70 17.72
C LYS A 273 -11.78 13.35 16.82
N MET A 274 -12.23 13.84 15.66
CA MET A 274 -11.33 14.47 14.70
C MET A 274 -10.52 15.65 15.21
N SER A 275 -11.04 16.35 16.23
CA SER A 275 -10.32 17.50 16.76
C SER A 275 -8.99 17.06 17.37
N TYR A 276 -8.88 15.79 17.73
CA TYR A 276 -7.65 15.26 18.31
C TYR A 276 -6.54 15.11 17.26
N LEU A 277 -6.89 15.16 15.98
CA LEU A 277 -5.91 15.00 14.90
C LEU A 277 -5.02 16.23 14.70
N LYS A 278 -5.19 17.22 15.57
CA LYS A 278 -4.42 18.45 15.50
C LYS A 278 -2.92 18.18 15.45
N ASN A 279 -2.46 17.25 16.28
CA ASN A 279 -1.04 16.89 16.32
C ASN A 279 -0.77 15.50 15.72
N TRP A 280 -1.55 15.15 14.70
CA TRP A 280 -1.40 13.87 14.00
C TRP A 280 0.03 13.73 13.48
N GLY A 281 0.62 12.55 13.68
CA GLY A 281 1.98 12.32 13.23
C GLY A 281 2.82 11.75 14.35
N GLU A 282 4.08 12.15 14.44
CA GLU A 282 4.96 11.64 15.49
C GLU A 282 4.32 11.92 16.85
N GLY A 283 3.50 12.97 16.90
CA GLY A 283 2.82 13.35 18.13
C GLY A 283 1.96 12.22 18.70
N TRP A 284 1.57 11.27 17.85
CA TRP A 284 0.76 10.14 18.27
C TRP A 284 1.61 8.90 18.51
N GLY A 285 2.93 9.09 18.54
CA GLY A 285 3.82 7.97 18.78
C GLY A 285 4.20 7.19 17.53
N PHE A 286 3.96 7.77 16.36
CA PHE A 286 4.30 7.12 15.10
C PHE A 286 5.78 7.30 14.81
N VAL A 287 6.31 6.51 13.89
CA VAL A 287 7.73 6.61 13.53
C VAL A 287 7.96 7.94 12.82
N PRO A 288 9.23 8.38 12.71
CA PRO A 288 9.55 9.63 12.03
C PRO A 288 8.96 9.63 10.63
N SER A 289 8.40 10.76 10.21
CA SER A 289 7.79 10.87 8.89
C SER A 289 8.69 10.39 7.75
N ASP A 290 10.00 10.69 7.82
CA ASP A 290 10.90 10.29 6.76
C ASP A 290 11.26 8.79 6.73
N ARG A 291 10.62 8.00 7.59
CA ARG A 291 10.85 6.55 7.58
C ARG A 291 9.52 5.83 7.47
N ALA A 292 8.45 6.60 7.26
CA ALA A 292 7.12 6.02 7.19
C ALA A 292 6.46 5.84 5.82
N LEU A 293 5.82 4.69 5.65
CA LEU A 293 5.05 4.36 4.45
C LEU A 293 3.66 4.20 5.10
N VAL A 294 2.74 5.11 4.78
CA VAL A 294 1.40 5.08 5.36
C VAL A 294 0.30 4.67 4.40
N PHE A 295 -0.83 4.25 4.97
CA PHE A 295 -1.99 3.79 4.21
C PHE A 295 -3.18 3.64 5.16
N VAL A 296 -4.39 3.63 4.62
CA VAL A 296 -5.58 3.46 5.44
C VAL A 296 -5.81 1.95 5.68
N ASP A 297 -5.75 1.16 4.61
CA ASP A 297 -5.89 -0.28 4.69
C ASP A 297 -4.89 -0.94 3.73
N ASN A 298 -4.61 -2.22 3.91
CA ASN A 298 -3.70 -2.94 3.01
C ASN A 298 -4.38 -4.25 2.62
N HIS A 299 -3.79 -4.99 1.69
CA HIS A 299 -4.43 -6.21 1.21
C HIS A 299 -4.71 -7.14 2.42
N ASP A 300 -4.03 -6.97 3.56
CA ASP A 300 -4.24 -7.92 4.65
C ASP A 300 -5.43 -7.42 5.44
N ASN A 301 -5.20 -6.49 6.36
CA ASN A 301 -6.31 -5.94 7.20
C ASN A 301 -7.63 -5.50 6.53
N GLN A 302 -7.70 -5.37 5.20
CA GLN A 302 -8.99 -5.00 4.58
C GLN A 302 -9.90 -6.24 4.61
N ARG A 303 -9.31 -7.40 4.88
CA ARG A 303 -10.05 -8.65 4.97
C ARG A 303 -9.83 -9.30 6.34
N GLY A 304 -9.48 -8.46 7.33
CA GLY A 304 -9.24 -8.91 8.69
C GLY A 304 -8.13 -9.93 8.85
N HIS A 305 -7.04 -9.77 8.11
CA HIS A 305 -5.93 -10.72 8.14
C HIS A 305 -4.61 -10.35 8.81
N GLY A 306 -4.30 -9.07 8.96
CA GLY A 306 -3.02 -8.76 9.57
C GLY A 306 -3.13 -8.18 10.95
N ALA A 307 -3.08 -6.85 11.01
CA ALA A 307 -3.21 -6.10 12.25
C ALA A 307 -4.04 -4.86 11.89
N GLY A 308 -4.77 -4.34 12.87
CA GLY A 308 -5.61 -3.19 12.62
C GLY A 308 -6.97 -3.50 13.20
N GLY A 309 -7.42 -4.74 12.96
CA GLY A 309 -8.69 -5.19 13.48
C GLY A 309 -9.95 -4.60 12.88
N ALA A 310 -10.98 -4.53 13.72
CA ALA A 310 -12.29 -4.03 13.34
C ALA A 310 -12.36 -2.54 13.00
N SER A 311 -11.40 -1.76 13.46
CA SER A 311 -11.41 -0.33 13.19
C SER A 311 -11.05 0.04 11.75
N ILE A 312 -10.29 -0.83 11.09
CA ILE A 312 -9.86 -0.55 9.71
C ILE A 312 -11.01 -0.22 8.77
N LEU A 313 -10.80 0.84 7.99
CA LEU A 313 -11.78 1.29 7.02
C LEU A 313 -11.36 0.76 5.64
N THR A 314 -12.34 0.35 4.84
CA THR A 314 -12.09 -0.18 3.50
C THR A 314 -13.15 0.33 2.52
N PHE A 315 -13.04 -0.06 1.26
CA PHE A 315 -14.01 0.37 0.27
C PHE A 315 -15.43 -0.03 0.66
N TRP A 316 -15.56 -1.07 1.48
CA TRP A 316 -16.88 -1.51 1.93
C TRP A 316 -17.58 -0.39 2.68
N ASP A 317 -16.79 0.44 3.37
CA ASP A 317 -17.31 1.57 4.15
C ASP A 317 -17.07 2.84 3.33
N ALA A 318 -17.50 2.82 2.08
CA ALA A 318 -17.30 3.90 1.13
C ALA A 318 -17.27 5.35 1.63
N ARG A 319 -18.35 5.81 2.24
CA ARG A 319 -18.40 7.21 2.69
C ARG A 319 -17.26 7.59 3.66
N LEU A 320 -17.07 6.78 4.71
CA LEU A 320 -16.01 7.07 5.69
C LEU A 320 -14.62 6.78 5.13
N TYR A 321 -14.53 5.83 4.19
CA TYR A 321 -13.26 5.48 3.59
C TYR A 321 -12.68 6.67 2.81
N LYS A 322 -13.52 7.30 2.00
CA LYS A 322 -13.09 8.45 1.20
C LYS A 322 -12.59 9.60 2.08
N MET A 323 -13.22 9.76 3.24
CA MET A 323 -12.81 10.83 4.16
C MET A 323 -11.45 10.51 4.79
N ALA A 324 -11.23 9.25 5.14
CA ALA A 324 -9.96 8.83 5.75
C ALA A 324 -8.81 8.95 4.75
N VAL A 325 -9.06 8.52 3.53
CA VAL A 325 -8.05 8.60 2.48
C VAL A 325 -7.80 10.08 2.17
N GLY A 326 -8.87 10.87 2.24
CA GLY A 326 -8.76 12.30 1.98
C GLY A 326 -7.87 12.98 3.00
N PHE A 327 -8.08 12.67 4.28
CA PHE A 327 -7.28 13.25 5.35
C PHE A 327 -5.81 12.84 5.17
N MET A 328 -5.58 11.55 4.91
CA MET A 328 -4.23 11.03 4.70
C MET A 328 -3.48 11.75 3.60
N LEU A 329 -4.13 11.89 2.45
CA LEU A 329 -3.52 12.53 1.29
C LEU A 329 -3.29 14.03 1.46
N ALA A 330 -4.04 14.68 2.33
CA ALA A 330 -3.88 16.11 2.56
C ALA A 330 -2.82 16.40 3.64
N HIS A 331 -2.68 15.47 4.58
CA HIS A 331 -1.73 15.65 5.68
C HIS A 331 -0.29 15.34 5.26
N PRO A 332 0.66 16.19 5.66
CA PRO A 332 2.08 16.07 5.35
C PRO A 332 2.86 14.83 5.86
N TYR A 333 2.34 14.14 6.85
CA TYR A 333 3.06 12.97 7.37
C TYR A 333 3.20 11.76 6.43
N GLY A 334 4.43 11.23 6.37
CA GLY A 334 4.76 10.05 5.59
C GLY A 334 4.62 10.04 4.08
N PHE A 335 4.91 8.88 3.49
CA PHE A 335 4.79 8.67 2.05
C PHE A 335 3.55 7.80 1.92
N THR A 336 2.60 8.26 1.11
CA THR A 336 1.32 7.58 0.96
C THR A 336 1.14 6.49 -0.08
N ARG A 337 0.42 5.44 0.33
CA ARG A 337 0.10 4.33 -0.55
C ARG A 337 -1.42 4.16 -0.60
N VAL A 338 -1.95 4.18 -1.81
CA VAL A 338 -3.37 4.02 -2.06
C VAL A 338 -3.67 2.56 -2.39
N MET A 339 -4.74 2.02 -1.81
CA MET A 339 -5.16 0.65 -2.03
C MET A 339 -6.14 0.56 -3.20
N SER A 340 -6.03 -0.51 -3.99
CA SER A 340 -6.92 -0.74 -5.12
C SER A 340 -7.24 -2.24 -5.03
N SER A 341 -8.52 -2.54 -4.78
CA SER A 341 -8.96 -3.90 -4.56
C SER A 341 -9.99 -4.48 -5.52
N TYR A 342 -10.38 -5.72 -5.23
CA TYR A 342 -11.41 -6.42 -5.97
C TYR A 342 -12.49 -6.83 -4.96
N ARG A 343 -13.72 -7.01 -5.42
CA ARG A 343 -14.79 -7.41 -4.54
C ARG A 343 -14.80 -8.92 -4.42
N TRP A 344 -15.21 -9.40 -3.25
CA TRP A 344 -15.31 -10.83 -3.01
C TRP A 344 -16.59 -10.96 -2.18
N PRO A 345 -17.23 -12.13 -2.22
CA PRO A 345 -18.46 -12.28 -1.43
C PRO A 345 -18.23 -12.46 0.07
N ARG A 346 -18.13 -11.35 0.79
CA ARG A 346 -17.93 -11.40 2.24
C ARG A 346 -19.12 -12.11 2.84
N GLN A 347 -18.86 -13.09 3.70
CA GLN A 347 -19.94 -13.80 4.35
C GLN A 347 -19.56 -13.97 5.81
N PHE A 348 -20.10 -13.08 6.64
CA PHE A 348 -19.79 -13.08 8.07
C PHE A 348 -20.54 -14.15 8.86
N GLN A 349 -19.83 -14.80 9.76
CA GLN A 349 -20.39 -15.83 10.63
C GLN A 349 -19.70 -15.67 11.97
N ASN A 350 -20.50 -15.34 13.00
CA ASN A 350 -19.99 -15.11 14.35
C ASN A 350 -18.94 -14.00 14.32
N GLY A 351 -19.19 -13.00 13.48
CA GLY A 351 -18.28 -11.87 13.36
C GLY A 351 -17.07 -12.10 12.48
N ASN A 352 -17.04 -13.23 11.75
CA ASN A 352 -15.90 -13.52 10.88
C ASN A 352 -16.30 -13.83 9.45
N ASP A 353 -15.51 -13.32 8.52
CA ASP A 353 -15.73 -13.52 7.09
C ASP A 353 -15.13 -14.86 6.64
N VAL A 354 -16.00 -15.85 6.38
CA VAL A 354 -15.54 -17.17 5.97
C VAL A 354 -14.96 -17.20 4.55
N ASN A 355 -15.18 -16.13 3.78
CA ASN A 355 -14.65 -16.05 2.41
C ASN A 355 -13.48 -15.09 2.32
N ASP A 356 -12.74 -14.92 3.41
CA ASP A 356 -11.60 -14.02 3.40
C ASP A 356 -10.42 -14.53 2.59
N TRP A 357 -10.55 -15.76 2.10
CA TRP A 357 -9.50 -16.40 1.30
C TRP A 357 -9.67 -16.17 -0.21
N VAL A 358 -10.90 -15.88 -0.63
CA VAL A 358 -11.21 -15.70 -2.05
C VAL A 358 -10.22 -14.85 -2.84
N GLY A 359 -9.72 -15.44 -3.93
CA GLY A 359 -8.75 -14.77 -4.78
C GLY A 359 -9.38 -13.77 -5.73
N PRO A 360 -8.59 -13.18 -6.64
CA PRO A 360 -9.06 -12.19 -7.61
C PRO A 360 -10.10 -12.72 -8.61
N PRO A 361 -10.90 -11.81 -9.19
CA PRO A 361 -11.94 -12.16 -10.17
C PRO A 361 -11.32 -13.10 -11.21
N ASN A 362 -11.99 -14.21 -11.49
CA ASN A 362 -11.41 -15.16 -12.44
C ASN A 362 -12.42 -16.04 -13.17
N ASN A 363 -11.91 -16.72 -14.20
CA ASN A 363 -12.68 -17.65 -15.00
C ASN A 363 -11.87 -18.93 -14.97
N ASN A 364 -12.30 -19.90 -14.18
CA ASN A 364 -11.60 -21.17 -14.07
C ASN A 364 -10.17 -20.98 -13.59
N GLY A 365 -9.95 -19.99 -12.74
CA GLY A 365 -8.61 -19.75 -12.23
C GLY A 365 -7.80 -18.73 -13.02
N VAL A 366 -8.29 -18.33 -14.19
CA VAL A 366 -7.61 -17.34 -15.00
C VAL A 366 -8.14 -15.97 -14.61
N ILE A 367 -7.27 -15.12 -14.04
CA ILE A 367 -7.66 -13.80 -13.59
C ILE A 367 -8.34 -12.98 -14.70
N LYS A 368 -9.48 -12.37 -14.37
CA LYS A 368 -10.21 -11.55 -15.33
C LYS A 368 -9.49 -10.25 -15.61
N GLU A 369 -9.65 -9.73 -16.83
CA GLU A 369 -9.00 -8.48 -17.19
C GLU A 369 -9.78 -7.32 -16.60
N VAL A 370 -9.08 -6.23 -16.35
CA VAL A 370 -9.72 -5.04 -15.81
C VAL A 370 -10.40 -4.31 -16.96
N THR A 371 -11.73 -4.22 -16.90
CA THR A 371 -12.47 -3.54 -17.94
C THR A 371 -12.84 -2.15 -17.44
N ILE A 372 -12.84 -1.17 -18.32
CA ILE A 372 -13.16 0.20 -17.93
C ILE A 372 -14.55 0.61 -18.43
N ASN A 373 -15.38 1.09 -17.53
CA ASN A 373 -16.72 1.51 -17.90
C ASN A 373 -16.68 2.92 -18.47
N PRO A 374 -17.70 3.28 -19.26
CA PRO A 374 -17.78 4.62 -19.86
C PRO A 374 -17.62 5.79 -18.87
N ASP A 375 -17.95 5.56 -17.60
CA ASP A 375 -17.82 6.61 -16.58
C ASP A 375 -16.48 6.54 -15.86
N THR A 376 -15.57 5.73 -16.40
CA THR A 376 -14.21 5.53 -15.89
C THR A 376 -14.07 4.58 -14.69
N THR A 377 -15.16 3.97 -14.25
CA THR A 377 -15.08 3.02 -13.14
C THR A 377 -14.68 1.67 -13.77
N CYS A 378 -14.44 0.66 -12.94
CA CYS A 378 -14.03 -0.64 -13.47
C CYS A 378 -15.13 -1.69 -13.41
N GLY A 379 -14.99 -2.70 -14.25
CA GLY A 379 -15.93 -3.81 -14.28
C GLY A 379 -15.21 -5.08 -13.86
N ASN A 380 -15.85 -6.23 -14.06
CA ASN A 380 -15.27 -7.53 -13.69
C ASN A 380 -14.92 -7.66 -12.21
N ASP A 381 -15.64 -6.90 -11.39
CA ASP A 381 -15.47 -6.90 -9.94
C ASP A 381 -14.22 -6.25 -9.36
N TRP A 382 -13.55 -5.44 -10.17
CA TRP A 382 -12.38 -4.71 -9.68
C TRP A 382 -12.97 -3.42 -9.12
N VAL A 383 -12.64 -3.11 -7.88
CA VAL A 383 -13.16 -1.91 -7.24
C VAL A 383 -12.54 -0.64 -7.79
N CYS A 384 -11.24 -0.66 -8.06
CA CYS A 384 -10.54 0.50 -8.57
C CYS A 384 -10.80 1.78 -7.76
N GLU A 385 -10.45 1.76 -6.48
CA GLU A 385 -10.62 2.92 -5.63
C GLU A 385 -9.79 4.09 -6.17
N HIS A 386 -8.64 3.78 -6.77
CA HIS A 386 -7.77 4.82 -7.31
C HIS A 386 -8.43 5.61 -8.43
N ARG A 387 -9.54 5.11 -8.95
CA ARG A 387 -10.26 5.79 -10.02
C ARG A 387 -11.46 6.59 -9.49
N TRP A 388 -11.79 6.44 -8.20
CA TRP A 388 -12.91 7.21 -7.63
C TRP A 388 -12.51 8.67 -7.65
N ARG A 389 -13.38 9.53 -8.17
CA ARG A 389 -13.08 10.95 -8.26
C ARG A 389 -12.51 11.55 -6.99
N GLN A 390 -13.15 11.26 -5.86
CA GLN A 390 -12.72 11.77 -4.57
C GLN A 390 -11.30 11.37 -4.19
N ILE A 391 -10.92 10.15 -4.55
CA ILE A 391 -9.57 9.68 -4.23
C ILE A 391 -8.54 10.14 -5.27
N ARG A 392 -8.90 10.03 -6.54
CA ARG A 392 -8.00 10.46 -7.60
C ARG A 392 -7.69 11.96 -7.45
N ASN A 393 -8.70 12.77 -7.16
CA ASN A 393 -8.47 14.19 -7.01
C ASN A 393 -7.62 14.55 -5.81
N MET A 394 -7.64 13.70 -4.79
CA MET A 394 -6.83 13.97 -3.61
C MET A 394 -5.39 13.53 -3.84
N VAL A 395 -5.19 12.60 -4.77
CA VAL A 395 -3.85 12.17 -5.12
C VAL A 395 -3.18 13.39 -5.79
N ILE A 396 -3.96 14.09 -6.61
CA ILE A 396 -3.46 15.27 -7.30
C ILE A 396 -3.25 16.39 -6.27
N PHE A 397 -4.16 16.50 -5.32
CA PHE A 397 -4.05 17.52 -4.27
C PHE A 397 -2.68 17.40 -3.57
N ARG A 398 -2.29 16.17 -3.24
CA ARG A 398 -1.01 15.97 -2.56
C ARG A 398 0.15 16.43 -3.43
N ASN A 399 0.06 16.19 -4.73
CA ASN A 399 1.09 16.62 -5.67
C ASN A 399 1.19 18.14 -5.68
N VAL A 400 0.04 18.80 -5.81
CA VAL A 400 -0.03 20.26 -5.86
C VAL A 400 0.50 20.95 -4.61
N VAL A 401 0.20 20.40 -3.43
CA VAL A 401 0.65 21.00 -2.18
C VAL A 401 1.95 20.44 -1.62
N ASP A 402 2.63 19.59 -2.39
CA ASP A 402 3.87 18.98 -1.93
C ASP A 402 4.88 20.03 -1.43
N GLY A 403 5.39 19.81 -0.23
CA GLY A 403 6.35 20.72 0.34
C GLY A 403 5.76 21.82 1.22
N GLN A 404 4.49 22.11 1.03
CA GLN A 404 3.81 23.15 1.81
C GLN A 404 3.59 22.74 3.26
N PRO A 405 3.72 23.71 4.18
CA PRO A 405 3.53 23.44 5.61
C PRO A 405 2.08 23.27 6.05
N PHE A 406 1.91 22.59 7.17
CA PHE A 406 0.61 22.36 7.77
C PHE A 406 0.26 23.66 8.50
N THR A 407 -0.82 24.31 8.09
CA THR A 407 -1.21 25.57 8.72
C THR A 407 -2.71 25.79 8.77
N ASN A 408 -3.09 26.93 9.33
CA ASN A 408 -4.48 27.35 9.44
C ASN A 408 -5.44 26.28 9.96
N TRP A 409 -5.04 25.56 11.00
CA TRP A 409 -5.88 24.52 11.59
C TRP A 409 -7.10 25.09 12.29
N TYR A 410 -8.21 24.38 12.18
CA TYR A 410 -9.45 24.77 12.84
C TYR A 410 -10.22 23.52 13.24
N ASP A 411 -10.88 23.58 14.39
CA ASP A 411 -11.71 22.48 14.85
C ASP A 411 -12.76 23.06 15.79
N ASN A 412 -13.90 22.40 15.90
CA ASN A 412 -14.99 22.87 16.74
C ASN A 412 -14.98 22.12 18.07
N GLY A 413 -13.85 21.52 18.41
CA GLY A 413 -13.77 20.78 19.65
C GLY A 413 -14.48 19.44 19.52
N SER A 414 -15.01 19.15 18.34
CA SER A 414 -15.71 17.89 18.13
C SER A 414 -15.22 17.14 16.88
N ASN A 415 -16.02 17.12 15.82
CA ASN A 415 -15.62 16.42 14.60
C ASN A 415 -15.64 17.27 13.32
N GLN A 416 -15.56 18.59 13.48
CA GLN A 416 -15.52 19.47 12.32
C GLN A 416 -14.16 20.17 12.40
N VAL A 417 -13.28 19.80 11.46
CA VAL A 417 -11.93 20.34 11.41
C VAL A 417 -11.56 20.79 10.01
N ALA A 418 -10.50 21.58 9.92
CA ALA A 418 -10.02 22.07 8.64
C ALA A 418 -8.57 22.51 8.81
N PHE A 419 -7.85 22.53 7.71
CA PHE A 419 -6.47 22.97 7.73
C PHE A 419 -5.99 23.18 6.31
N GLY A 420 -4.91 23.93 6.16
CA GLY A 420 -4.38 24.19 4.85
C GLY A 420 -2.93 23.75 4.73
N ARG A 421 -2.44 23.75 3.50
CA ARG A 421 -1.07 23.40 3.23
C ARG A 421 -0.48 24.64 2.57
N GLY A 422 0.20 25.45 3.37
CA GLY A 422 0.77 26.67 2.83
C GLY A 422 -0.32 27.48 2.15
N ASN A 423 -0.01 28.03 0.98
CA ASN A 423 -0.98 28.81 0.24
C ASN A 423 -1.35 28.09 -1.04
N ARG A 424 -1.23 26.75 -1.01
CA ARG A 424 -1.51 25.93 -2.18
C ARG A 424 -2.75 25.04 -2.05
N GLY A 425 -3.25 24.85 -0.83
CA GLY A 425 -4.41 24.01 -0.67
C GLY A 425 -5.11 24.14 0.67
N PHE A 426 -6.39 23.75 0.72
CA PHE A 426 -7.16 23.83 1.95
C PHE A 426 -8.22 22.73 1.93
N ILE A 427 -8.48 22.12 3.09
CA ILE A 427 -9.47 21.04 3.18
C ILE A 427 -10.32 21.17 4.45
N VAL A 428 -11.61 20.86 4.32
CA VAL A 428 -12.56 20.98 5.44
C VAL A 428 -13.33 19.68 5.63
N PHE A 429 -13.48 19.25 6.88
CA PHE A 429 -14.19 18.01 7.20
C PHE A 429 -15.33 18.22 8.19
N ASN A 430 -16.45 17.54 7.94
CA ASN A 430 -17.59 17.59 8.86
C ASN A 430 -18.02 16.17 9.18
N ASN A 431 -17.62 15.68 10.35
CA ASN A 431 -17.98 14.33 10.77
C ASN A 431 -18.86 14.36 12.02
N ASP A 432 -19.52 15.50 12.25
CA ASP A 432 -20.43 15.64 13.39
C ASP A 432 -21.85 15.36 12.90
N ASP A 433 -22.78 15.13 13.82
CA ASP A 433 -24.15 14.84 13.43
C ASP A 433 -25.01 16.09 13.18
N TRP A 434 -24.35 17.19 12.83
CA TRP A 434 -25.05 18.42 12.51
C TRP A 434 -24.28 19.16 11.42
N SER A 435 -24.93 20.15 10.80
CA SER A 435 -24.33 20.90 9.70
C SER A 435 -23.19 21.83 10.10
N PHE A 436 -22.33 22.08 9.11
CA PHE A 436 -21.18 22.96 9.27
C PHE A 436 -21.37 24.14 8.31
N SER A 437 -21.38 25.35 8.86
CA SER A 437 -21.54 26.54 8.04
C SER A 437 -20.74 27.63 8.73
N LEU A 438 -19.54 27.87 8.23
CA LEU A 438 -18.66 28.85 8.84
C LEU A 438 -17.68 29.45 7.84
N THR A 439 -17.22 30.66 8.14
CA THR A 439 -16.24 31.32 7.29
C THR A 439 -14.88 31.06 7.95
N LEU A 440 -13.93 30.53 7.19
CA LEU A 440 -12.61 30.23 7.73
C LEU A 440 -11.48 30.88 6.93
N GLN A 441 -10.33 31.03 7.58
CA GLN A 441 -9.15 31.59 6.92
C GLN A 441 -8.51 30.41 6.18
N THR A 442 -8.31 30.54 4.88
CA THR A 442 -7.73 29.46 4.09
C THR A 442 -6.25 29.61 3.73
N GLY A 443 -5.75 30.84 3.72
CA GLY A 443 -4.35 31.06 3.36
C GLY A 443 -4.16 31.03 1.85
N LEU A 444 -5.26 30.95 1.11
CA LEU A 444 -5.23 30.90 -0.36
C LEU A 444 -5.49 32.27 -0.99
N PRO A 445 -4.94 32.49 -2.19
CA PRO A 445 -5.15 33.77 -2.87
C PRO A 445 -6.60 33.91 -3.34
N ALA A 446 -7.12 35.13 -3.31
CA ALA A 446 -8.49 35.40 -3.71
C ALA A 446 -8.83 34.74 -5.04
N GLY A 447 -10.09 34.35 -5.20
CA GLY A 447 -10.52 33.71 -6.43
C GLY A 447 -11.65 32.73 -6.24
N THR A 448 -12.09 32.12 -7.34
CA THR A 448 -13.16 31.12 -7.29
C THR A 448 -12.50 29.75 -7.51
N TYR A 449 -12.64 28.87 -6.54
CA TYR A 449 -12.05 27.54 -6.61
C TYR A 449 -13.08 26.44 -6.73
N CYS A 450 -12.75 25.42 -7.50
CA CYS A 450 -13.62 24.27 -7.67
C CYS A 450 -13.35 23.30 -6.54
N ASP A 451 -14.41 22.77 -5.94
CA ASP A 451 -14.26 21.76 -4.88
C ASP A 451 -13.95 20.49 -5.66
N VAL A 452 -12.79 19.89 -5.41
CA VAL A 452 -12.39 18.69 -6.12
C VAL A 452 -12.96 17.37 -5.59
N ILE A 453 -13.76 17.43 -4.53
CA ILE A 453 -14.37 16.23 -4.00
C ILE A 453 -15.72 16.00 -4.67
N SER A 454 -16.52 17.07 -4.75
CA SER A 454 -17.86 16.99 -5.35
C SER A 454 -17.81 17.06 -6.87
N GLY A 455 -16.77 17.67 -7.41
CA GLY A 455 -16.69 17.78 -8.85
C GLY A 455 -15.29 17.87 -9.38
N ASP A 456 -15.17 18.47 -10.57
CA ASP A 456 -13.90 18.65 -11.22
C ASP A 456 -13.81 20.04 -11.83
N LYS A 457 -12.59 20.43 -12.16
CA LYS A 457 -12.34 21.72 -12.78
C LYS A 457 -12.28 21.42 -14.26
N ILE A 458 -13.34 21.74 -14.98
CA ILE A 458 -13.39 21.50 -16.42
C ILE A 458 -13.20 22.79 -17.19
N ASN A 459 -11.94 23.22 -17.27
CA ASN A 459 -11.54 24.44 -17.98
C ASN A 459 -12.58 25.55 -17.98
N GLY A 460 -12.43 26.51 -17.07
CA GLY A 460 -13.38 27.62 -17.01
C GLY A 460 -14.57 27.41 -16.10
N ASN A 461 -14.93 26.15 -15.84
CA ASN A 461 -16.07 25.85 -14.97
C ASN A 461 -15.84 24.68 -14.03
N CYS A 462 -16.64 24.64 -12.97
CA CYS A 462 -16.60 23.58 -11.98
C CYS A 462 -17.84 22.74 -12.18
N THR A 463 -17.71 21.43 -12.02
CA THR A 463 -18.86 20.54 -12.17
C THR A 463 -19.56 20.33 -10.83
N GLY A 464 -18.89 20.73 -9.74
CA GLY A 464 -19.47 20.58 -8.43
C GLY A 464 -19.52 21.89 -7.66
N ILE A 465 -19.30 21.80 -6.36
CA ILE A 465 -19.31 22.97 -5.47
C ILE A 465 -18.21 23.98 -5.79
N LYS A 466 -18.55 25.25 -5.71
CA LYS A 466 -17.60 26.34 -5.96
C LYS A 466 -17.39 27.10 -4.66
N ILE A 467 -16.14 27.45 -4.39
CA ILE A 467 -15.80 28.20 -3.18
C ILE A 467 -15.22 29.55 -3.60
N TYR A 468 -15.60 30.61 -2.89
CA TYR A 468 -15.12 31.94 -3.21
C TYR A 468 -14.23 32.46 -2.10
N VAL A 469 -12.96 32.70 -2.41
CA VAL A 469 -12.00 33.21 -1.43
C VAL A 469 -11.84 34.71 -1.63
N SER A 470 -12.00 35.46 -0.55
CA SER A 470 -11.88 36.92 -0.60
C SER A 470 -10.42 37.36 -0.49
N ASP A 471 -10.19 38.67 -0.61
CA ASP A 471 -8.84 39.21 -0.56
C ASP A 471 -8.04 38.88 0.70
N ASP A 472 -8.71 38.68 1.82
CA ASP A 472 -8.00 38.39 3.05
C ASP A 472 -7.85 36.89 3.30
N GLY A 473 -8.13 36.10 2.27
CA GLY A 473 -7.99 34.66 2.38
C GLY A 473 -9.15 33.92 3.01
N LYS A 474 -10.17 34.65 3.44
CA LYS A 474 -11.33 34.01 4.06
C LYS A 474 -12.27 33.45 2.99
N ALA A 475 -13.01 32.40 3.36
CA ALA A 475 -13.96 31.76 2.47
C ALA A 475 -15.02 31.06 3.31
N HIS A 476 -16.26 31.07 2.83
CA HIS A 476 -17.33 30.42 3.57
C HIS A 476 -17.48 28.98 3.10
N PHE A 477 -17.66 28.07 4.06
CA PHE A 477 -17.85 26.66 3.75
C PHE A 477 -19.13 26.18 4.39
N SER A 478 -19.91 25.42 3.65
CA SER A 478 -21.16 24.90 4.14
C SER A 478 -21.25 23.40 3.83
N ILE A 479 -21.21 22.57 4.86
CA ILE A 479 -21.29 21.12 4.67
C ILE A 479 -22.34 20.48 5.56
N SER A 480 -23.37 19.93 4.95
CA SER A 480 -24.44 19.25 5.69
C SER A 480 -23.96 17.87 6.09
N ASN A 481 -24.38 17.40 7.26
CA ASN A 481 -23.99 16.07 7.72
C ASN A 481 -24.69 15.01 6.86
N SER A 482 -25.50 15.47 5.90
CA SER A 482 -26.23 14.57 5.00
C SER A 482 -25.62 14.54 3.61
N ALA A 483 -24.52 15.28 3.42
CA ALA A 483 -23.84 15.32 2.13
C ALA A 483 -23.29 13.95 1.77
N GLU A 484 -23.24 13.63 0.49
CA GLU A 484 -22.70 12.33 0.05
C GLU A 484 -21.26 12.21 0.56
N ASP A 485 -20.48 13.26 0.36
CA ASP A 485 -19.08 13.32 0.83
C ASP A 485 -19.00 14.53 1.75
N PRO A 486 -19.02 14.30 3.08
CA PRO A 486 -18.96 15.38 4.06
C PRO A 486 -17.66 16.18 4.20
N PHE A 487 -16.98 16.43 3.08
CA PHE A 487 -15.77 17.22 3.14
C PHE A 487 -15.49 17.90 1.80
N ILE A 488 -14.81 19.04 1.86
CA ILE A 488 -14.47 19.83 0.68
C ILE A 488 -12.97 20.12 0.60
N ALA A 489 -12.41 20.05 -0.59
CA ALA A 489 -10.99 20.32 -0.78
C ALA A 489 -10.78 21.19 -2.03
N ILE A 490 -9.97 22.24 -1.88
CA ILE A 490 -9.65 23.13 -2.99
C ILE A 490 -8.14 23.36 -2.97
N HIS A 491 -7.57 23.58 -4.15
CA HIS A 491 -6.13 23.82 -4.23
C HIS A 491 -5.77 24.76 -5.38
N ALA A 492 -4.49 25.14 -5.44
CA ALA A 492 -3.99 26.05 -6.46
C ALA A 492 -4.39 25.69 -7.88
N GLU A 493 -4.44 24.41 -8.19
CA GLU A 493 -4.79 23.99 -9.54
C GLU A 493 -6.29 23.82 -9.81
N SER A 494 -7.13 24.00 -8.81
CA SER A 494 -8.57 23.88 -9.04
C SER A 494 -9.16 25.29 -9.11
N LYS A 495 -8.30 26.29 -9.07
CA LYS A 495 -8.71 27.68 -9.12
C LYS A 495 -9.16 28.02 -10.55
N LEU A 496 -10.17 28.87 -10.65
CA LEU A 496 -10.71 29.27 -11.94
C LEU A 496 -9.95 30.45 -12.51
#